data_6Z1S
#
_entry.id   6Z1S
#
_cell.length_a   86.404
_cell.length_b   97.177
_cell.length_c   46.998
_cell.angle_alpha   90.00
_cell.angle_beta   90.00
_cell.angle_gamma   90.00
#
_symmetry.space_group_name_H-M   'P 21 21 2'
#
loop_
_entity.id
_entity.type
_entity.pdbx_description
1 polymer 'Tyrosinase-like protein'
2 branched 2-acetamido-2-deoxy-beta-D-glucopyranose-(1-4)-2-acetamido-2-deoxy-beta-D-glucopyranose
3 non-polymer 2-acetamido-2-deoxy-beta-D-glucopyranose
4 non-polymer (4S)-2-METHYL-2,4-PENTANEDIOL
5 non-polymer GLYCINE
6 non-polymer SERINE
7 non-polymer 'COPPER (II) ION'
8 water water
#
_entity_poly.entity_id   1
_entity_poly.type   'polypeptide(L)'
_entity_poly.pdbx_seq_one_letter_code
;EFRCSSDAPPPAPVGDDLTEPKELTDLFEKAKKAVIDRLHEDEKALRARGEAPRCTADKLIFRREYGSLSKDERLAYVNA
VKCLQSKPPRTPASVAPGARSRFDDFVVVHIQQTLDIHYSGIFQAWHRWFVYQYEKALRDECGYTGYQPYWDWPKYASAP
QDSPLFNGDPYSLGGNGEYVPHDGPVIVPPEGVSGGNISLPAGVGGGFVRTGPFANMTVNLGPVGGLADTAPGPQGGLGY
NPRGLKRDLGGAMNTRYANYTTVLRLLTQPDVDAFRTVSEGVPYTVEIGPHNGIHYTIGGDPGGDLFTSPGDPAFWVHHA
QMDRVWATWQALGLLPPADGGDPDPARRYTDLGKGDYAHRTWQNSPPSPFAELSDVIDMGYAAPSTTIGAVMSTTEGELC
YFYLEQKLISEEDLNSAVDHHHHHH
;
_entity_poly.pdbx_strand_id   A
#
# COMPACT_ATOMS: atom_id res chain seq x y z
N GLY A 15 -22.12 -10.54 5.05
CA GLY A 15 -22.92 -10.70 6.28
C GLY A 15 -22.34 -9.97 7.46
N ASP A 16 -22.15 -10.67 8.59
CA ASP A 16 -21.26 -10.28 9.72
C ASP A 16 -20.00 -9.61 9.15
N ASP A 17 -19.20 -10.34 8.36
CA ASP A 17 -17.81 -9.94 7.99
C ASP A 17 -17.81 -8.76 7.01
N LEU A 18 -18.94 -8.51 6.34
CA LEU A 18 -19.09 -7.42 5.35
C LEU A 18 -19.78 -6.20 5.98
N THR A 19 -20.14 -6.27 7.26
CA THR A 19 -20.76 -5.14 8.01
C THR A 19 -19.76 -4.59 9.02
N GLU A 20 -19.67 -3.28 9.18
CA GLU A 20 -18.64 -2.63 10.03
C GLU A 20 -19.04 -2.73 11.48
N PRO A 21 -18.35 -3.53 12.31
CA PRO A 21 -18.73 -3.68 13.71
C PRO A 21 -18.31 -2.43 14.49
N LYS A 22 -19.07 -2.11 15.53
CA LYS A 22 -18.87 -0.87 16.33
C LYS A 22 -17.55 -0.99 17.08
N GLU A 23 -17.20 -2.22 17.46
CA GLU A 23 -15.90 -2.56 18.07
C GLU A 23 -14.77 -2.00 17.19
N LEU A 24 -14.88 -2.07 15.86
CA LEU A 24 -13.83 -1.60 14.94
C LEU A 24 -13.87 -0.08 14.84
N THR A 25 -15.06 0.48 14.68
CA THR A 25 -15.30 1.96 14.62
C THR A 25 -14.65 2.60 15.86
N ASP A 26 -14.86 2.01 17.05
CA ASP A 26 -14.30 2.50 18.34
C ASP A 26 -12.77 2.45 18.34
N LEU A 27 -12.16 1.40 17.77
CA LEU A 27 -10.68 1.23 17.79
C LEU A 27 -10.06 2.36 16.97
N PHE A 28 -10.64 2.68 15.82
CA PHE A 28 -10.15 3.79 14.95
C PHE A 28 -10.27 5.12 15.70
N GLU A 29 -11.38 5.31 16.42
CA GLU A 29 -11.69 6.54 17.20
C GLU A 29 -10.71 6.67 18.38
N LYS A 30 -10.53 5.61 19.19
CA LYS A 30 -9.57 5.61 20.32
C LYS A 30 -8.17 5.95 19.79
N ALA A 31 -7.77 5.34 18.68
CA ALA A 31 -6.45 5.53 18.04
C ALA A 31 -6.29 7.01 17.66
N LYS A 32 -7.26 7.62 16.99
CA LYS A 32 -7.08 9.01 16.49
C LYS A 32 -6.96 9.97 17.67
N LYS A 33 -7.77 9.73 18.71
CA LYS A 33 -7.80 10.53 19.96
C LYS A 33 -6.45 10.40 20.66
N ALA A 34 -5.87 9.20 20.68
CA ALA A 34 -4.55 8.97 21.30
C ALA A 34 -3.50 9.80 20.56
N VAL A 35 -3.60 9.84 19.22
CA VAL A 35 -2.59 10.55 18.40
C VAL A 35 -2.70 12.05 18.68
N ILE A 36 -3.92 12.57 18.75
CA ILE A 36 -4.18 14.03 18.91
C ILE A 36 -3.75 14.43 20.32
N ASP A 37 -4.16 13.68 21.34
CA ASP A 37 -3.77 13.98 22.75
C ASP A 37 -2.25 14.01 22.88
N ARG A 38 -1.57 13.00 22.35
CA ARG A 38 -0.09 12.87 22.41
C ARG A 38 0.54 14.03 21.63
N LEU A 39 -0.03 14.47 20.51
CA LEU A 39 0.57 15.59 19.72
C LEU A 39 0.50 16.90 20.52
N HIS A 40 -0.64 17.15 21.18
CA HIS A 40 -0.84 18.29 22.10
C HIS A 40 0.30 18.34 23.13
N GLU A 41 0.51 17.26 23.88
CA GLU A 41 1.56 17.13 24.94
C GLU A 41 2.96 17.35 24.33
N ASP A 42 3.27 16.63 23.27
CA ASP A 42 4.61 16.63 22.63
C ASP A 42 4.90 18.04 22.15
N GLU A 43 3.89 18.72 21.58
CA GLU A 43 4.11 20.10 21.09
C GLU A 43 4.52 21.00 22.27
N LYS A 44 3.77 20.95 23.38
CA LYS A 44 4.01 21.74 24.63
C LYS A 44 5.39 21.42 25.22
N ALA A 45 5.74 20.14 25.39
CA ALA A 45 7.06 19.69 25.90
C ALA A 45 8.21 20.30 25.10
N LEU A 46 8.09 20.32 23.76
CA LEU A 46 9.17 20.79 22.83
C LEU A 46 9.30 22.33 22.88
N ARG A 47 8.17 23.04 22.83
CA ARG A 47 8.11 24.53 22.89
C ARG A 47 8.68 25.02 24.25
N ALA A 48 8.36 24.34 25.34
CA ALA A 48 8.90 24.57 26.71
C ALA A 48 10.44 24.61 26.71
N ARG A 49 11.09 23.84 25.83
CA ARG A 49 12.54 23.96 25.53
C ARG A 49 12.66 24.63 24.16
N PRO A 53 8.96 22.59 16.86
CA PRO A 53 8.23 21.30 16.74
C PRO A 53 7.78 21.02 15.29
N ARG A 54 8.13 19.87 14.76
CA ARG A 54 8.00 19.61 13.30
C ARG A 54 6.53 19.30 13.00
N CYS A 55 5.87 18.48 13.83
CA CYS A 55 4.43 18.13 13.68
C CYS A 55 3.63 18.66 14.88
N THR A 56 2.50 19.33 14.63
CA THR A 56 1.56 19.85 15.66
C THR A 56 0.15 19.46 15.24
N ALA A 57 -0.83 19.47 16.14
CA ALA A 57 -2.24 19.16 15.80
C ALA A 57 -2.75 20.23 14.84
N ASP A 58 -2.11 21.41 14.84
CA ASP A 58 -2.34 22.51 13.89
C ASP A 58 -1.97 22.04 12.48
N LYS A 59 -0.82 21.38 12.32
CA LYS A 59 -0.24 21.08 11.00
C LYS A 59 -0.73 19.72 10.51
N LEU A 60 -1.38 18.94 11.38
CA LEU A 60 -1.73 17.54 11.11
C LEU A 60 -2.76 17.50 9.95
N ILE A 61 -2.44 16.79 8.88
CA ILE A 61 -3.45 16.50 7.83
C ILE A 61 -3.94 15.07 8.02
N PHE A 62 -5.17 14.80 7.59
CA PHE A 62 -5.74 13.43 7.56
C PHE A 62 -5.94 12.96 6.12
N ARG A 63 -5.31 11.85 5.77
CA ARG A 63 -5.63 11.12 4.52
C ARG A 63 -7.04 10.54 4.60
N ARG A 64 -7.75 10.51 3.47
CA ARG A 64 -9.21 10.28 3.45
C ARG A 64 -9.53 9.01 2.68
N GLU A 65 -10.69 8.43 3.00
CA GLU A 65 -11.29 7.28 2.28
C GLU A 65 -11.63 7.77 0.87
N TYR A 66 -11.17 7.08 -0.16
CA TYR A 66 -11.31 7.59 -1.55
C TYR A 66 -12.76 8.04 -1.79
N GLY A 67 -13.75 7.21 -1.42
CA GLY A 67 -15.17 7.48 -1.76
C GLY A 67 -15.77 8.64 -0.98
N SER A 68 -15.06 9.10 0.06
N SER A 68 -15.08 9.14 0.05
CA SER A 68 -15.40 10.27 0.91
CA SER A 68 -15.48 10.31 0.87
C SER A 68 -14.97 11.58 0.25
C SER A 68 -14.95 11.61 0.26
N LEU A 69 -14.00 11.54 -0.67
CA LEU A 69 -13.55 12.78 -1.36
C LEU A 69 -14.67 13.26 -2.30
N SER A 70 -14.79 14.56 -2.49
CA SER A 70 -15.74 15.14 -3.48
C SER A 70 -15.27 14.70 -4.87
N LYS A 71 -16.14 14.86 -5.86
CA LYS A 71 -15.79 14.62 -7.26
C LYS A 71 -14.57 15.47 -7.63
N ASP A 72 -14.51 16.73 -7.19
CA ASP A 72 -13.39 17.63 -7.59
C ASP A 72 -12.09 17.13 -6.96
N GLU A 73 -12.16 16.64 -5.71
CA GLU A 73 -10.98 16.15 -4.93
C GLU A 73 -10.46 14.87 -5.59
N ARG A 74 -11.38 13.99 -5.97
CA ARG A 74 -11.03 12.76 -6.72
C ARG A 74 -10.38 13.13 -8.04
N LEU A 75 -10.95 14.10 -8.77
CA LEU A 75 -10.42 14.50 -10.08
C LEU A 75 -9.02 15.10 -9.90
N ALA A 76 -8.81 15.87 -8.85
CA ALA A 76 -7.51 16.51 -8.57
C ALA A 76 -6.45 15.40 -8.36
N TYR A 77 -6.84 14.33 -7.66
CA TYR A 77 -5.92 13.20 -7.40
C TYR A 77 -5.55 12.52 -8.72
N VAL A 78 -6.55 12.11 -9.47
CA VAL A 78 -6.42 11.46 -10.80
C VAL A 78 -5.49 12.27 -11.69
N ASN A 79 -5.75 13.56 -11.79
CA ASN A 79 -4.96 14.45 -12.67
C ASN A 79 -3.53 14.65 -12.19
N ALA A 80 -3.30 14.62 -10.88
CA ALA A 80 -1.94 14.73 -10.34
C ALA A 80 -1.16 13.47 -10.75
N VAL A 81 -1.80 12.32 -10.68
CA VAL A 81 -1.18 11.00 -11.04
C VAL A 81 -0.82 11.02 -12.54
N LYS A 82 -1.75 11.45 -13.36
CA LYS A 82 -1.52 11.62 -14.81
C LYS A 82 -0.35 12.59 -15.06
N CYS A 83 -0.32 13.70 -14.32
CA CYS A 83 0.80 14.68 -14.37
C CYS A 83 2.09 13.92 -14.05
N LEU A 84 2.11 13.10 -13.00
CA LEU A 84 3.39 12.42 -12.62
C LEU A 84 3.82 11.45 -13.74
N GLN A 85 2.87 10.87 -14.45
CA GLN A 85 3.13 9.96 -15.60
C GLN A 85 3.61 10.75 -16.83
N SER A 86 3.57 12.08 -16.80
CA SER A 86 4.02 12.89 -17.94
C SER A 86 5.21 13.78 -17.57
N LYS A 87 5.78 13.59 -16.38
CA LYS A 87 6.99 14.31 -15.99
C LYS A 87 8.17 13.43 -16.34
N PRO A 88 9.26 14.02 -16.85
CA PRO A 88 10.43 13.24 -17.20
C PRO A 88 11.04 12.53 -16.00
N PRO A 89 11.70 11.37 -16.22
CA PRO A 89 12.25 10.58 -15.13
C PRO A 89 13.62 11.03 -14.59
N ARG A 90 13.91 10.68 -13.33
CA ARG A 90 15.25 10.86 -12.74
C ARG A 90 16.07 9.60 -12.95
N THR A 91 15.43 8.45 -13.16
CA THR A 91 16.14 7.17 -13.32
C THR A 91 16.96 7.27 -14.60
N PRO A 92 18.29 7.05 -14.59
CA PRO A 92 19.06 7.06 -15.85
C PRO A 92 18.59 5.95 -16.82
N ALA A 93 18.67 6.24 -18.11
CA ALA A 93 18.25 5.30 -19.18
C ALA A 93 19.04 4.00 -19.07
N SER A 94 20.30 4.06 -18.64
CA SER A 94 21.19 2.89 -18.44
C SER A 94 20.68 1.98 -17.31
N VAL A 95 19.99 2.53 -16.31
CA VAL A 95 19.49 1.76 -15.13
C VAL A 95 18.13 1.11 -15.47
N ALA A 96 17.25 1.83 -16.15
CA ALA A 96 15.89 1.35 -16.51
C ALA A 96 15.54 1.96 -17.86
N PRO A 97 15.85 1.25 -18.96
CA PRO A 97 15.52 1.75 -20.30
C PRO A 97 14.03 2.03 -20.51
N GLY A 98 13.15 1.34 -19.79
CA GLY A 98 11.68 1.51 -19.91
C GLY A 98 11.09 2.62 -19.07
N ALA A 99 11.86 3.26 -18.19
CA ALA A 99 11.34 4.36 -17.34
C ALA A 99 11.19 5.61 -18.21
N ARG A 100 9.96 6.08 -18.33
CA ARG A 100 9.66 7.29 -19.13
C ARG A 100 9.27 8.47 -18.26
N SER A 101 8.82 8.25 -17.02
CA SER A 101 8.21 9.30 -16.18
C SER A 101 8.66 9.21 -14.72
N ARG A 102 8.39 10.28 -13.96
CA ARG A 102 8.53 10.28 -12.49
C ARG A 102 7.69 9.13 -11.90
N PHE A 103 6.48 8.88 -12.42
CA PHE A 103 5.63 7.77 -11.93
C PHE A 103 6.43 6.46 -12.09
N ASP A 104 7.14 6.30 -13.22
CA ASP A 104 7.94 5.09 -13.50
C ASP A 104 9.13 4.99 -12.56
N ASP A 105 9.70 6.12 -12.13
CA ASP A 105 10.81 6.11 -11.14
C ASP A 105 10.40 5.32 -9.90
N PHE A 106 9.16 5.44 -9.45
CA PHE A 106 8.66 4.72 -8.26
C PHE A 106 8.47 3.24 -8.56
N VAL A 107 8.00 2.90 -9.75
CA VAL A 107 7.94 1.51 -10.22
C VAL A 107 9.35 0.90 -10.23
N VAL A 108 10.34 1.61 -10.78
CA VAL A 108 11.74 1.12 -10.91
C VAL A 108 12.27 0.73 -9.52
N VAL A 109 12.17 1.61 -8.53
CA VAL A 109 12.82 1.31 -7.23
C VAL A 109 12.15 0.09 -6.58
N HIS A 110 10.83 -0.03 -6.73
CA HIS A 110 10.08 -1.18 -6.18
C HIS A 110 10.56 -2.44 -6.89
N ILE A 111 10.71 -2.39 -8.21
CA ILE A 111 11.17 -3.60 -8.96
C ILE A 111 12.56 -4.00 -8.44
N GLN A 112 13.47 -3.04 -8.36
CA GLN A 112 14.89 -3.27 -7.96
C GLN A 112 14.97 -3.91 -6.56
N GLN A 113 14.06 -3.56 -5.64
CA GLN A 113 14.24 -3.95 -4.22
C GLN A 113 13.21 -4.96 -3.75
N THR A 114 12.34 -5.44 -4.65
CA THR A 114 11.21 -6.30 -4.24
C THR A 114 11.73 -7.49 -3.43
N LEU A 115 12.81 -8.14 -3.86
CA LEU A 115 13.30 -9.35 -3.15
C LEU A 115 13.81 -9.05 -1.72
N ASP A 116 14.07 -7.79 -1.35
CA ASP A 116 14.59 -7.41 -0.01
C ASP A 116 13.49 -6.81 0.88
N ILE A 117 12.41 -6.27 0.32
CA ILE A 117 11.56 -5.32 1.08
C ILE A 117 10.19 -5.94 1.40
N HIS A 118 10.00 -7.21 1.07
CA HIS A 118 8.80 -7.98 1.47
C HIS A 118 9.22 -9.13 2.41
N TYR A 119 8.36 -9.43 3.37
CA TYR A 119 8.57 -10.44 4.42
C TYR A 119 9.91 -10.22 5.12
N SER A 120 10.27 -8.94 5.25
CA SER A 120 11.51 -8.46 5.91
C SER A 120 11.15 -7.32 6.85
N GLY A 121 12.06 -7.03 7.77
CA GLY A 121 11.85 -6.06 8.84
C GLY A 121 11.55 -4.67 8.31
N ILE A 122 12.10 -4.31 7.15
CA ILE A 122 11.90 -2.96 6.55
C ILE A 122 10.53 -2.83 5.85
N PHE A 123 9.79 -3.92 5.63
CA PHE A 123 8.60 -3.88 4.70
C PHE A 123 7.66 -2.71 5.00
N GLN A 124 7.18 -2.58 6.23
CA GLN A 124 6.12 -1.58 6.56
C GLN A 124 6.67 -0.15 6.45
N ALA A 125 7.86 0.07 7.02
CA ALA A 125 8.53 1.39 7.07
C ALA A 125 8.83 1.81 5.63
N TRP A 126 9.39 0.90 4.86
CA TRP A 126 9.75 1.14 3.43
C TRP A 126 8.52 1.63 2.66
N HIS A 127 7.39 0.93 2.80
CA HIS A 127 6.17 1.22 2.02
C HIS A 127 5.54 2.50 2.56
N ARG A 128 5.64 2.77 3.85
CA ARG A 128 5.15 4.05 4.42
C ARG A 128 5.86 5.22 3.72
N TRP A 129 7.19 5.14 3.64
CA TRP A 129 8.00 6.26 3.08
C TRP A 129 7.77 6.37 1.58
N PHE A 130 7.67 5.24 0.90
CA PHE A 130 7.31 5.10 -0.54
C PHE A 130 6.02 5.91 -0.82
N VAL A 131 4.95 5.64 -0.06
CA VAL A 131 3.65 6.34 -0.23
C VAL A 131 3.86 7.85 0.07
N TYR A 132 4.57 8.18 1.14
CA TYR A 132 4.82 9.58 1.53
C TYR A 132 5.53 10.33 0.36
N GLN A 133 6.55 9.72 -0.25
CA GLN A 133 7.35 10.34 -1.33
C GLN A 133 6.51 10.43 -2.62
N TYR A 134 5.60 9.47 -2.87
CA TYR A 134 4.69 9.54 -4.04
C TYR A 134 3.73 10.73 -3.84
N GLU A 135 3.11 10.79 -2.67
CA GLU A 135 2.20 11.88 -2.29
C GLU A 135 2.91 13.22 -2.43
N LYS A 136 4.15 13.30 -1.95
CA LYS A 136 4.98 14.51 -1.97
C LYS A 136 5.26 14.91 -3.43
N ALA A 137 5.59 13.96 -4.28
CA ALA A 137 5.81 14.27 -5.71
C ALA A 137 4.50 14.77 -6.34
N LEU A 138 3.35 14.14 -6.07
CA LEU A 138 2.05 14.62 -6.59
C LEU A 138 1.89 16.11 -6.19
N ARG A 139 2.18 16.42 -4.93
CA ARG A 139 1.99 17.80 -4.40
C ARG A 139 3.05 18.77 -4.95
N ASP A 140 4.33 18.46 -4.78
CA ASP A 140 5.44 19.41 -5.03
C ASP A 140 5.77 19.50 -6.52
N GLU A 141 5.61 18.43 -7.30
CA GLU A 141 5.98 18.40 -8.73
C GLU A 141 4.73 18.63 -9.58
N CYS A 142 3.55 18.20 -9.13
CA CYS A 142 2.32 18.21 -9.97
C CYS A 142 1.25 19.16 -9.44
N GLY A 143 1.57 19.91 -8.38
CA GLY A 143 0.62 20.86 -7.79
C GLY A 143 -0.63 20.22 -7.22
N TYR A 144 -0.65 18.94 -6.86
CA TYR A 144 -1.80 18.37 -6.10
C TYR A 144 -1.97 19.13 -4.78
N THR A 145 -3.19 19.55 -4.45
CA THR A 145 -3.50 20.36 -3.24
C THR A 145 -4.01 19.46 -2.11
N GLY A 146 -4.26 18.18 -2.40
CA GLY A 146 -4.77 17.23 -1.40
C GLY A 146 -3.68 16.27 -0.93
N TYR A 147 -4.11 15.11 -0.43
CA TYR A 147 -3.21 14.06 0.12
C TYR A 147 -3.62 12.71 -0.45
N GLN A 148 -2.77 11.71 -0.30
CA GLN A 148 -3.02 10.34 -0.82
C GLN A 148 -4.21 9.71 -0.10
N PRO A 149 -5.29 9.40 -0.82
CA PRO A 149 -6.40 8.69 -0.22
C PRO A 149 -6.11 7.19 -0.04
N TYR A 150 -6.98 6.54 0.72
CA TYR A 150 -6.88 5.09 1.04
C TYR A 150 -8.09 4.32 0.51
N TRP A 151 -7.82 3.03 0.27
CA TRP A 151 -8.82 2.04 -0.16
C TRP A 151 -9.32 1.33 1.08
N ASP A 152 -10.50 1.65 1.58
CA ASP A 152 -11.06 0.93 2.76
C ASP A 152 -11.44 -0.47 2.27
N TRP A 153 -10.56 -1.47 2.40
CA TRP A 153 -10.77 -2.80 1.78
C TRP A 153 -12.16 -3.37 2.12
N PRO A 154 -12.52 -3.52 3.41
CA PRO A 154 -13.76 -4.19 3.78
C PRO A 154 -15.04 -3.46 3.33
N LYS A 155 -14.97 -2.14 3.14
CA LYS A 155 -16.13 -1.27 2.79
C LYS A 155 -16.76 -1.67 1.44
N TYR A 156 -15.97 -2.15 0.48
CA TYR A 156 -16.43 -2.47 -0.90
C TYR A 156 -16.09 -3.93 -1.23
N ALA A 157 -15.86 -4.78 -0.20
CA ALA A 157 -15.30 -6.15 -0.39
C ALA A 157 -16.17 -6.99 -1.34
N SER A 158 -17.51 -6.86 -1.32
CA SER A 158 -18.41 -7.71 -2.17
CA SER A 158 -18.42 -7.70 -2.16
C SER A 158 -18.25 -7.36 -3.65
N ALA A 159 -17.80 -6.14 -3.96
CA ALA A 159 -17.73 -5.66 -5.35
C ALA A 159 -16.86 -4.40 -5.42
N PRO A 160 -15.52 -4.53 -5.30
CA PRO A 160 -14.64 -3.37 -5.44
C PRO A 160 -14.80 -2.69 -6.82
N GLN A 161 -15.15 -3.46 -7.87
CA GLN A 161 -15.36 -2.94 -9.24
C GLN A 161 -16.58 -2.01 -9.28
N ASP A 162 -17.47 -2.05 -8.29
CA ASP A 162 -18.63 -1.12 -8.21
C ASP A 162 -18.33 0.10 -7.30
N SER A 163 -17.16 0.15 -6.64
CA SER A 163 -16.87 1.21 -5.65
C SER A 163 -16.53 2.50 -6.39
N PRO A 164 -16.52 3.67 -5.71
CA PRO A 164 -16.01 4.89 -6.33
C PRO A 164 -14.55 4.81 -6.81
N LEU A 165 -13.74 3.88 -6.28
CA LEU A 165 -12.34 3.69 -6.73
C LEU A 165 -12.29 3.11 -8.14
N PHE A 166 -13.21 2.18 -8.47
CA PHE A 166 -13.02 1.33 -9.67
C PHE A 166 -14.31 1.21 -10.51
N ASN A 167 -15.26 2.14 -10.37
CA ASN A 167 -16.57 2.03 -11.08
C ASN A 167 -16.44 2.47 -12.54
N GLY A 168 -15.35 3.10 -12.93
CA GLY A 168 -15.12 3.50 -14.32
C GLY A 168 -15.73 4.85 -14.61
N ASP A 169 -16.24 5.53 -13.58
CA ASP A 169 -16.75 6.91 -13.73
C ASP A 169 -15.54 7.84 -13.77
N PRO A 170 -15.78 9.13 -14.09
CA PRO A 170 -14.70 10.07 -14.38
C PRO A 170 -13.84 10.43 -13.18
N TYR A 171 -14.31 10.02 -12.00
CA TYR A 171 -13.69 10.36 -10.70
C TYR A 171 -12.99 9.12 -10.14
N SER A 172 -13.06 7.99 -10.84
CA SER A 172 -12.47 6.68 -10.46
C SER A 172 -11.00 6.61 -10.87
N LEU A 173 -10.32 5.56 -10.40
CA LEU A 173 -8.98 5.19 -10.90
C LEU A 173 -9.10 4.26 -12.11
N GLY A 174 -10.17 4.39 -12.90
CA GLY A 174 -10.40 3.47 -14.03
C GLY A 174 -11.20 2.31 -13.54
N GLY A 175 -11.88 1.62 -14.45
CA GLY A 175 -12.75 0.49 -14.09
C GLY A 175 -11.94 -0.79 -13.97
N ASN A 176 -12.67 -1.88 -13.85
CA ASN A 176 -12.15 -3.26 -13.96
C ASN A 176 -11.58 -3.48 -15.37
N GLY A 177 -10.66 -4.42 -15.52
CA GLY A 177 -10.37 -5.00 -16.82
C GLY A 177 -11.65 -5.59 -17.39
N GLU A 178 -11.77 -5.65 -18.71
CA GLU A 178 -12.93 -6.37 -19.30
C GLU A 178 -12.86 -7.84 -18.91
N TYR A 179 -14.03 -8.49 -18.82
CA TYR A 179 -14.13 -9.95 -18.63
C TYR A 179 -13.38 -10.71 -19.74
N VAL A 180 -12.58 -11.66 -19.28
CA VAL A 180 -11.80 -12.63 -20.10
C VAL A 180 -11.83 -13.94 -19.30
N PRO A 181 -12.26 -15.08 -19.88
CA PRO A 181 -12.31 -16.34 -19.13
C PRO A 181 -10.88 -16.69 -18.73
N HIS A 182 -10.69 -17.05 -17.48
CA HIS A 182 -9.36 -17.38 -16.88
C HIS A 182 -9.61 -18.04 -15.52
N ASP A 183 -8.63 -18.81 -15.06
CA ASP A 183 -8.61 -19.43 -13.72
C ASP A 183 -7.99 -18.43 -12.75
N GLY A 184 -8.42 -18.46 -11.48
CA GLY A 184 -7.76 -17.68 -10.43
C GLY A 184 -6.30 -18.07 -10.35
N PRO A 185 -5.45 -17.29 -9.68
CA PRO A 185 -4.04 -17.67 -9.51
C PRO A 185 -3.86 -18.95 -8.67
N VAL A 186 -2.80 -19.68 -8.99
CA VAL A 186 -2.35 -20.93 -8.30
C VAL A 186 -1.02 -20.65 -7.60
N ILE A 187 -0.97 -20.80 -6.28
CA ILE A 187 0.30 -20.72 -5.49
C ILE A 187 0.94 -22.11 -5.45
N VAL A 188 2.10 -22.22 -6.08
CA VAL A 188 2.94 -23.43 -6.13
C VAL A 188 4.08 -23.27 -5.13
N PRO A 189 4.08 -24.05 -4.02
CA PRO A 189 5.23 -24.10 -3.12
C PRO A 189 6.46 -24.55 -3.91
N PRO A 190 7.65 -23.94 -3.70
CA PRO A 190 8.86 -24.33 -4.43
C PRO A 190 9.64 -25.45 -3.73
N GLU A 191 10.81 -25.83 -4.26
CA GLU A 191 11.71 -26.89 -3.69
C GLU A 191 12.06 -26.55 -2.24
N GLY A 196 1.24 -28.35 -0.60
CA GLY A 196 0.55 -28.61 -1.90
C GLY A 196 0.08 -27.32 -2.58
N ASN A 197 -0.38 -27.45 -3.83
CA ASN A 197 -0.83 -26.33 -4.70
C ASN A 197 -2.08 -25.65 -4.11
N ILE A 198 -2.13 -24.32 -4.16
CA ILE A 198 -3.28 -23.53 -3.66
C ILE A 198 -3.86 -22.69 -4.80
N SER A 199 -5.08 -23.00 -5.20
CA SER A 199 -5.81 -22.29 -6.28
C SER A 199 -6.74 -21.26 -5.63
N LEU A 200 -6.56 -20.00 -6.02
CA LEU A 200 -7.32 -18.85 -5.47
C LEU A 200 -8.43 -18.51 -6.46
N PRO A 201 -9.49 -17.83 -5.99
CA PRO A 201 -10.62 -17.48 -6.84
C PRO A 201 -10.30 -16.27 -7.73
N ALA A 202 -10.76 -16.35 -8.98
CA ALA A 202 -10.71 -15.32 -10.02
C ALA A 202 -11.60 -14.13 -9.62
N GLY A 203 -11.23 -12.94 -10.08
CA GLY A 203 -12.17 -11.83 -10.15
C GLY A 203 -12.99 -11.95 -11.42
N VAL A 204 -13.66 -10.87 -11.82
CA VAL A 204 -14.67 -10.87 -12.92
C VAL A 204 -14.16 -10.04 -14.09
N GLY A 205 -12.84 -9.84 -14.16
CA GLY A 205 -12.17 -9.08 -15.22
C GLY A 205 -11.16 -9.93 -15.94
N GLY A 206 -9.94 -9.41 -16.03
CA GLY A 206 -8.77 -10.16 -16.54
C GLY A 206 -8.25 -9.57 -17.83
N GLY A 207 -9.04 -8.74 -18.48
CA GLY A 207 -8.65 -8.07 -19.73
C GLY A 207 -8.23 -6.63 -19.50
N PHE A 208 -8.25 -5.83 -20.56
CA PHE A 208 -7.82 -4.41 -20.55
C PHE A 208 -8.86 -3.55 -19.83
N VAL A 209 -8.34 -2.60 -19.07
CA VAL A 209 -9.15 -1.50 -18.50
C VAL A 209 -9.53 -0.55 -19.65
N ARG A 210 -10.84 -0.33 -19.83
CA ARG A 210 -11.38 0.45 -20.99
C ARG A 210 -12.25 1.62 -20.51
N THR A 211 -12.38 1.82 -19.20
CA THR A 211 -13.29 2.85 -18.64
C THR A 211 -12.54 3.70 -17.62
N GLY A 212 -13.09 4.86 -17.37
CA GLY A 212 -12.61 5.84 -16.42
C GLY A 212 -11.36 6.51 -16.93
N PRO A 213 -10.75 7.33 -16.08
CA PRO A 213 -9.62 8.16 -16.46
C PRO A 213 -8.37 7.39 -16.90
N PHE A 214 -8.21 6.16 -16.40
CA PHE A 214 -7.05 5.29 -16.75
C PHE A 214 -7.48 4.23 -17.77
N ALA A 215 -8.63 4.41 -18.46
CA ALA A 215 -8.95 3.64 -19.69
C ALA A 215 -7.72 3.64 -20.61
N ASN A 216 -7.29 2.48 -21.04
CA ASN A 216 -6.15 2.35 -21.99
C ASN A 216 -4.85 2.94 -21.43
N MET A 217 -4.68 3.05 -20.11
CA MET A 217 -3.40 3.54 -19.57
C MET A 217 -2.25 2.71 -20.10
N THR A 218 -1.17 3.38 -20.49
CA THR A 218 0.08 2.73 -20.95
C THR A 218 0.92 2.39 -19.74
N VAL A 219 1.25 1.10 -19.64
CA VAL A 219 2.19 0.54 -18.64
C VAL A 219 3.52 0.36 -19.35
N ASN A 220 4.60 0.94 -18.85
CA ASN A 220 5.92 0.94 -19.53
C ASN A 220 6.81 -0.20 -19.04
N LEU A 221 6.82 -0.50 -17.73
CA LEU A 221 7.83 -1.40 -17.14
C LEU A 221 7.22 -2.77 -16.84
N GLY A 222 8.09 -3.73 -16.57
CA GLY A 222 7.67 -5.09 -16.22
C GLY A 222 7.05 -5.79 -17.43
N PRO A 223 6.41 -6.96 -17.20
CA PRO A 223 6.42 -7.58 -15.87
C PRO A 223 7.75 -8.32 -15.61
N VAL A 224 8.06 -8.52 -14.33
CA VAL A 224 9.32 -9.20 -13.94
C VAL A 224 9.06 -10.69 -13.99
N GLY A 225 8.02 -11.15 -13.31
CA GLY A 225 7.38 -12.45 -13.60
C GLY A 225 6.58 -12.37 -14.90
N GLY A 226 6.45 -13.50 -15.61
CA GLY A 226 5.34 -13.73 -16.56
C GLY A 226 3.99 -13.68 -15.85
N LEU A 227 2.98 -13.19 -16.56
CA LEU A 227 1.54 -13.19 -16.17
C LEU A 227 0.83 -14.09 -17.20
N ALA A 228 -0.43 -14.44 -16.99
CA ALA A 228 -1.22 -15.26 -17.93
C ALA A 228 -0.92 -14.81 -19.37
N ASP A 229 -1.23 -13.55 -19.67
CA ASP A 229 -1.26 -13.03 -21.07
C ASP A 229 -0.05 -12.14 -21.36
N THR A 230 1.00 -12.15 -20.51
CA THR A 230 2.19 -11.28 -20.68
C THR A 230 3.48 -12.06 -20.41
N ALA A 231 4.40 -12.06 -21.38
CA ALA A 231 5.78 -12.56 -21.21
C ALA A 231 6.54 -11.63 -20.27
N PRO A 232 7.55 -12.15 -19.53
CA PRO A 232 8.45 -11.32 -18.73
C PRO A 232 9.00 -10.22 -19.63
N GLY A 233 9.12 -9.01 -19.10
CA GLY A 233 9.50 -7.87 -19.93
C GLY A 233 10.99 -7.88 -20.16
N PRO A 234 11.47 -7.09 -21.14
CA PRO A 234 12.88 -7.04 -21.49
C PRO A 234 13.76 -6.49 -20.36
N GLN A 235 15.03 -6.88 -20.32
CA GLN A 235 15.99 -6.43 -19.28
C GLN A 235 15.37 -6.63 -17.89
N GLY A 236 14.81 -7.81 -17.64
CA GLY A 236 14.25 -8.24 -16.35
C GLY A 236 13.11 -7.35 -15.88
N GLY A 237 12.38 -6.75 -16.83
CA GLY A 237 11.23 -5.89 -16.53
C GLY A 237 11.65 -4.45 -16.31
N LEU A 238 12.89 -4.08 -16.54
CA LEU A 238 13.32 -2.66 -16.46
C LEU A 238 13.44 -2.08 -17.87
N GLY A 239 13.20 -2.88 -18.90
CA GLY A 239 13.15 -2.37 -20.28
C GLY A 239 11.76 -1.88 -20.63
N TYR A 240 11.69 -1.29 -21.81
CA TYR A 240 10.49 -0.61 -22.37
C TYR A 240 9.53 -1.65 -22.96
N ASN A 241 8.34 -1.71 -22.41
CA ASN A 241 7.35 -2.76 -22.75
C ASN A 241 5.97 -2.14 -22.70
N PRO A 242 5.71 -1.04 -23.45
CA PRO A 242 4.44 -0.33 -23.38
C PRO A 242 3.27 -1.23 -23.76
N ARG A 243 2.23 -1.22 -22.92
CA ARG A 243 1.10 -2.14 -23.07
C ARG A 243 -0.07 -1.60 -22.24
N GLY A 244 -1.27 -2.10 -22.49
CA GLY A 244 -2.46 -1.66 -21.78
C GLY A 244 -2.55 -2.19 -20.38
N LEU A 245 -3.10 -1.37 -19.50
CA LEU A 245 -3.45 -1.73 -18.11
C LEU A 245 -4.57 -2.78 -18.13
N LYS A 246 -4.42 -3.83 -17.30
CA LYS A 246 -5.40 -4.89 -17.05
C LYS A 246 -5.61 -5.00 -15.55
N ARG A 247 -6.82 -5.35 -15.13
CA ARG A 247 -7.19 -5.60 -13.72
C ARG A 247 -8.15 -6.79 -13.71
N ASP A 248 -8.26 -7.45 -12.57
CA ASP A 248 -9.18 -8.59 -12.35
C ASP A 248 -9.83 -8.42 -11.00
N LEU A 249 -10.38 -7.25 -10.76
CA LEU A 249 -11.20 -6.95 -9.57
C LEU A 249 -12.35 -7.96 -9.48
N GLY A 250 -12.60 -8.41 -8.26
CA GLY A 250 -13.81 -9.15 -7.89
C GLY A 250 -13.94 -9.27 -6.39
N GLY A 251 -15.16 -9.52 -5.91
CA GLY A 251 -15.41 -9.67 -4.46
C GLY A 251 -14.84 -10.94 -3.83
N ALA A 252 -14.43 -11.95 -4.62
CA ALA A 252 -14.07 -13.28 -4.07
C ALA A 252 -12.81 -13.15 -3.23
N MET A 253 -11.74 -12.60 -3.80
CA MET A 253 -10.45 -12.39 -3.08
C MET A 253 -10.64 -11.33 -2.00
N ASN A 254 -11.32 -10.22 -2.34
CA ASN A 254 -11.50 -9.09 -1.40
C ASN A 254 -12.24 -9.61 -0.15
N THR A 255 -13.31 -10.38 -0.34
CA THR A 255 -14.21 -10.84 0.76
C THR A 255 -13.46 -11.85 1.66
N ARG A 256 -12.78 -12.79 1.02
CA ARG A 256 -12.06 -13.91 1.65
C ARG A 256 -10.91 -13.40 2.53
N TYR A 257 -10.23 -12.33 2.12
CA TYR A 257 -8.88 -11.98 2.66
C TYR A 257 -8.81 -10.57 3.23
N ALA A 258 -9.83 -9.74 3.03
CA ALA A 258 -9.78 -8.33 3.47
C ALA A 258 -11.16 -7.80 3.87
N ASN A 259 -11.80 -8.40 4.88
CA ASN A 259 -13.14 -8.01 5.39
C ASN A 259 -13.02 -7.32 6.75
N TYR A 260 -14.15 -6.94 7.35
CA TYR A 260 -14.17 -6.17 8.61
C TYR A 260 -13.56 -7.00 9.75
N THR A 261 -13.79 -8.31 9.73
CA THR A 261 -13.24 -9.27 10.71
C THR A 261 -11.72 -9.35 10.54
N THR A 262 -11.22 -9.37 9.32
CA THR A 262 -9.76 -9.29 9.06
C THR A 262 -9.18 -8.04 9.74
N VAL A 263 -9.83 -6.89 9.56
CA VAL A 263 -9.23 -5.62 10.07
C VAL A 263 -9.32 -5.57 11.59
N LEU A 264 -10.41 -6.06 12.18
CA LEU A 264 -10.60 -6.08 13.64
C LEU A 264 -9.55 -7.05 14.23
N ARG A 265 -9.29 -8.16 13.55
CA ARG A 265 -8.29 -9.16 14.01
C ARG A 265 -6.91 -8.52 13.97
N LEU A 266 -6.63 -7.80 12.92
CA LEU A 266 -5.33 -7.14 12.73
C LEU A 266 -5.10 -6.10 13.83
N LEU A 267 -6.06 -5.23 14.11
CA LEU A 267 -5.87 -4.14 15.09
C LEU A 267 -5.77 -4.64 16.52
N THR A 268 -6.19 -5.88 16.80
CA THR A 268 -6.25 -6.47 18.15
C THR A 268 -5.05 -7.40 18.35
N GLN A 269 -4.12 -7.45 17.40
CA GLN A 269 -2.91 -8.30 17.61
C GLN A 269 -2.01 -7.68 18.66
N PRO A 270 -1.34 -8.51 19.51
CA PRO A 270 -0.57 -8.01 20.66
C PRO A 270 0.81 -7.43 20.35
N ASP A 271 1.41 -7.78 19.21
CA ASP A 271 2.77 -7.27 18.87
C ASP A 271 2.96 -7.34 17.36
N VAL A 272 4.09 -6.81 16.89
CA VAL A 272 4.36 -6.59 15.44
C VAL A 272 4.45 -7.95 14.73
N ASP A 273 5.06 -8.97 15.31
CA ASP A 273 5.18 -10.25 14.61
C ASP A 273 3.77 -10.84 14.43
N ALA A 274 2.89 -10.78 15.41
CA ALA A 274 1.51 -11.30 15.27
C ALA A 274 0.75 -10.43 14.26
N PHE A 275 0.83 -9.10 14.40
CA PHE A 275 0.20 -8.17 13.43
C PHE A 275 0.54 -8.58 11.98
N ARG A 276 1.82 -8.73 11.66
CA ARG A 276 2.34 -8.95 10.28
C ARG A 276 1.99 -10.36 9.81
N THR A 277 1.89 -11.34 10.71
CA THR A 277 1.39 -12.68 10.32
C THR A 277 -0.05 -12.58 9.79
N VAL A 278 -0.91 -11.79 10.41
CA VAL A 278 -2.29 -11.60 9.91
C VAL A 278 -2.26 -10.82 8.58
N SER A 279 -1.54 -9.70 8.59
CA SER A 279 -1.49 -8.71 7.48
C SER A 279 -0.90 -9.34 6.22
N GLU A 280 0.24 -9.99 6.36
CA GLU A 280 1.08 -10.40 5.21
C GLU A 280 0.89 -11.89 4.94
N GLY A 281 0.10 -12.55 5.78
CA GLY A 281 -0.20 -13.98 5.62
C GLY A 281 0.97 -14.88 5.96
N VAL A 282 0.79 -16.16 5.64
CA VAL A 282 1.85 -17.22 5.72
C VAL A 282 2.07 -17.78 4.31
N PRO A 283 3.21 -17.43 3.69
CA PRO A 283 3.49 -17.90 2.33
C PRO A 283 3.21 -19.40 2.12
N TYR A 284 2.74 -19.74 0.92
CA TYR A 284 2.41 -21.12 0.50
C TYR A 284 1.37 -21.73 1.44
N THR A 285 0.54 -20.91 2.10
CA THR A 285 -0.71 -21.40 2.74
C THR A 285 -1.92 -20.68 2.15
N VAL A 286 -3.11 -21.13 2.54
CA VAL A 286 -4.41 -20.56 2.07
C VAL A 286 -4.57 -19.17 2.70
N GLU A 287 -3.83 -18.87 3.77
CA GLU A 287 -3.95 -17.58 4.48
C GLU A 287 -2.89 -16.61 3.94
N ILE A 288 -3.24 -15.91 2.86
CA ILE A 288 -2.34 -14.98 2.14
C ILE A 288 -2.42 -13.58 2.76
N GLY A 289 -3.35 -13.32 3.68
CA GLY A 289 -3.50 -12.02 4.37
C GLY A 289 -4.10 -10.95 3.46
N PRO A 290 -4.53 -9.79 4.02
CA PRO A 290 -5.12 -8.74 3.22
C PRO A 290 -4.14 -8.04 2.28
N HIS A 291 -2.84 -8.02 2.60
CA HIS A 291 -1.85 -7.37 1.71
C HIS A 291 -1.84 -8.06 0.34
N ASN A 292 -1.56 -9.36 0.32
CA ASN A 292 -1.55 -10.14 -0.94
C ASN A 292 -2.99 -10.32 -1.46
N GLY A 293 -3.97 -10.47 -0.58
CA GLY A 293 -5.37 -10.57 -0.99
C GLY A 293 -5.77 -9.41 -1.88
N ILE A 294 -5.46 -8.18 -1.46
CA ILE A 294 -5.83 -6.96 -2.23
C ILE A 294 -4.94 -6.87 -3.48
N HIS A 295 -3.67 -7.25 -3.40
CA HIS A 295 -2.81 -7.26 -4.61
C HIS A 295 -3.47 -8.15 -5.67
N TYR A 296 -3.90 -9.35 -5.28
CA TYR A 296 -4.56 -10.30 -6.20
C TYR A 296 -5.92 -9.74 -6.64
N THR A 297 -6.60 -8.99 -5.76
CA THR A 297 -7.89 -8.31 -6.08
C THR A 297 -7.66 -7.34 -7.27
N ILE A 298 -6.62 -6.50 -7.23
CA ILE A 298 -6.22 -5.65 -8.39
C ILE A 298 -5.92 -6.57 -9.59
N GLY A 299 -4.99 -7.50 -9.38
CA GLY A 299 -4.59 -8.51 -10.34
C GLY A 299 -4.21 -7.89 -11.66
N GLY A 300 -4.45 -8.60 -12.75
CA GLY A 300 -4.17 -8.07 -14.09
C GLY A 300 -2.71 -7.75 -14.25
N ASP A 301 -2.42 -6.61 -14.87
CA ASP A 301 -1.08 -6.26 -15.40
C ASP A 301 -0.98 -4.74 -15.30
N PRO A 302 -0.08 -4.18 -14.46
CA PRO A 302 0.94 -4.96 -13.74
C PRO A 302 0.63 -5.42 -12.30
N GLY A 303 -0.62 -5.30 -11.86
CA GLY A 303 -0.98 -5.60 -10.47
C GLY A 303 -0.75 -7.06 -10.12
N GLY A 304 -0.69 -7.97 -11.10
CA GLY A 304 -0.45 -9.40 -10.84
C GLY A 304 1.02 -9.68 -10.57
N ASP A 305 1.89 -8.71 -10.79
CA ASP A 305 3.36 -8.86 -10.71
C ASP A 305 3.82 -8.06 -9.48
N LEU A 306 4.25 -8.71 -8.40
CA LEU A 306 4.58 -7.95 -7.16
C LEU A 306 5.63 -6.88 -7.48
N PHE A 307 6.60 -7.19 -8.35
CA PHE A 307 7.72 -6.26 -8.66
C PHE A 307 7.15 -4.95 -9.20
N THR A 308 6.26 -5.09 -10.19
CA THR A 308 5.77 -3.95 -11.00
C THR A 308 4.42 -3.42 -10.48
N SER A 309 3.86 -3.94 -9.38
CA SER A 309 2.52 -3.57 -8.84
C SER A 309 2.33 -2.05 -8.70
N PRO A 310 3.34 -1.20 -8.36
CA PRO A 310 3.11 0.24 -8.24
C PRO A 310 2.81 0.95 -9.57
N GLY A 311 3.01 0.22 -10.68
CA GLY A 311 2.65 0.66 -12.04
C GLY A 311 1.15 0.78 -12.22
N ASP A 312 0.33 0.20 -11.36
CA ASP A 312 -1.12 0.47 -11.31
C ASP A 312 -1.36 1.55 -10.25
N PRO A 313 -2.03 2.67 -10.59
CA PRO A 313 -2.41 3.66 -9.57
C PRO A 313 -3.13 3.06 -8.34
N ALA A 314 -3.86 1.95 -8.51
CA ALA A 314 -4.57 1.22 -7.42
C ALA A 314 -3.63 0.84 -6.27
N PHE A 315 -2.38 0.55 -6.60
CA PHE A 315 -1.31 0.17 -5.63
C PHE A 315 -1.29 1.19 -4.47
N TRP A 316 -1.36 2.46 -4.81
CA TRP A 316 -1.13 3.57 -3.86
C TRP A 316 -2.30 3.72 -2.88
N VAL A 317 -3.55 3.52 -3.30
CA VAL A 317 -4.70 3.53 -2.34
C VAL A 317 -4.65 2.27 -1.47
N HIS A 318 -4.22 1.15 -2.03
CA HIS A 318 -3.93 -0.10 -1.25
C HIS A 318 -2.87 0.21 -0.18
N HIS A 319 -1.69 0.68 -0.55
CA HIS A 319 -0.62 0.89 0.45
C HIS A 319 -0.94 2.02 1.44
N ALA A 320 -1.83 2.94 1.08
CA ALA A 320 -2.27 3.98 2.02
C ALA A 320 -3.13 3.32 3.10
N GLN A 321 -3.96 2.36 2.70
CA GLN A 321 -4.76 1.54 3.66
C GLN A 321 -3.81 0.67 4.51
N MET A 322 -2.80 0.02 3.91
CA MET A 322 -1.82 -0.78 4.70
C MET A 322 -1.21 0.14 5.76
N ASP A 323 -0.90 1.38 5.37
CA ASP A 323 -0.25 2.32 6.30
C ASP A 323 -1.22 2.72 7.41
N ARG A 324 -2.46 2.96 7.04
CA ARG A 324 -3.54 3.38 7.97
C ARG A 324 -3.76 2.33 9.06
N VAL A 325 -3.87 1.06 8.66
N VAL A 325 -3.87 1.05 8.67
CA VAL A 325 -4.05 -0.04 9.64
CA VAL A 325 -4.03 -0.05 9.66
C VAL A 325 -2.80 -0.14 10.53
C VAL A 325 -2.79 -0.11 10.55
N TRP A 326 -1.59 0.03 9.98
CA TRP A 326 -0.35 0.00 10.80
C TRP A 326 -0.31 1.20 11.76
N ALA A 327 -0.59 2.39 11.27
CA ALA A 327 -0.53 3.62 12.09
C ALA A 327 -1.58 3.58 13.21
N THR A 328 -2.78 3.06 12.92
CA THR A 328 -3.87 2.88 13.89
C THR A 328 -3.40 1.92 14.98
N TRP A 329 -2.90 0.76 14.57
CA TRP A 329 -2.43 -0.28 15.49
C TRP A 329 -1.32 0.29 16.38
N GLN A 330 -0.35 1.02 15.82
CA GLN A 330 0.72 1.67 16.58
C GLN A 330 0.10 2.59 17.63
N ALA A 331 -0.86 3.43 17.25
CA ALA A 331 -1.47 4.41 18.19
C ALA A 331 -2.24 3.70 19.31
N LEU A 332 -2.83 2.53 19.05
CA LEU A 332 -3.58 1.75 20.07
C LEU A 332 -2.63 1.32 21.21
N GLY A 333 -1.33 1.24 20.94
CA GLY A 333 -0.28 0.95 21.92
C GLY A 333 -0.08 2.07 22.93
N LEU A 334 -0.51 3.28 22.60
CA LEU A 334 -0.40 4.48 23.49
C LEU A 334 -1.45 4.43 24.63
N LEU A 335 -2.48 3.59 24.53
CA LEU A 335 -3.60 3.50 25.52
C LEU A 335 -3.09 2.80 26.79
N PRO A 336 -3.76 2.95 27.96
CA PRO A 336 -3.40 2.16 29.14
C PRO A 336 -3.67 0.70 28.85
N PRO A 337 -2.91 -0.24 29.45
CA PRO A 337 -3.12 -1.67 29.16
C PRO A 337 -4.58 -2.15 29.36
N GLY A 341 -3.45 -1.52 24.87
CA GLY A 341 -2.43 -0.63 25.47
C GLY A 341 -1.16 -1.37 25.89
N ASP A 342 0.01 -0.75 25.67
CA ASP A 342 1.35 -1.32 25.99
C ASP A 342 1.93 -0.66 27.25
N PRO A 343 2.53 -1.44 28.19
CA PRO A 343 3.26 -0.88 29.33
C PRO A 343 4.25 0.21 28.91
N ASP A 344 5.04 -0.07 27.88
CA ASP A 344 5.83 0.97 27.18
C ASP A 344 5.01 1.43 25.99
N PRO A 345 4.38 2.62 26.04
CA PRO A 345 3.61 3.13 24.89
C PRO A 345 4.46 3.38 23.65
N ALA A 346 5.78 3.50 23.78
CA ALA A 346 6.76 3.68 22.68
C ALA A 346 7.04 2.35 21.94
N ARG A 347 6.57 1.21 22.44
CA ARG A 347 7.00 -0.11 21.94
C ARG A 347 6.68 -0.20 20.44
N ARG A 348 5.48 0.21 20.01
CA ARG A 348 5.02 -0.04 18.62
C ARG A 348 5.69 0.95 17.67
N TYR A 349 6.41 1.92 18.24
CA TYR A 349 7.18 2.95 17.53
C TYR A 349 8.66 2.56 17.48
N THR A 350 9.08 1.47 18.13
CA THR A 350 10.50 1.09 18.22
C THR A 350 10.77 -0.39 17.88
N ASP A 351 9.75 -1.23 17.95
CA ASP A 351 9.87 -2.73 17.88
C ASP A 351 9.68 -3.21 16.42
N LEU A 352 10.76 -3.65 15.75
CA LEU A 352 10.69 -4.22 14.38
C LEU A 352 10.42 -5.74 14.41
N GLY A 353 10.39 -6.34 15.61
CA GLY A 353 9.99 -7.75 15.78
C GLY A 353 11.16 -8.70 15.93
N LYS A 354 10.86 -9.96 16.17
CA LYS A 354 11.86 -11.01 16.48
C LYS A 354 11.61 -12.27 15.67
N GLY A 355 10.60 -12.24 14.79
CA GLY A 355 10.14 -13.41 14.01
C GLY A 355 10.77 -13.49 12.63
N ASP A 356 10.21 -14.41 11.84
CA ASP A 356 10.72 -14.80 10.51
C ASP A 356 10.67 -13.59 9.54
N TYR A 357 9.80 -12.60 9.79
CA TYR A 357 9.68 -11.44 8.87
C TYR A 357 10.51 -10.27 9.38
N ALA A 358 11.29 -10.45 10.46
CA ALA A 358 11.89 -9.30 11.13
C ALA A 358 13.34 -9.08 10.72
N HIS A 359 13.86 -9.86 9.76
CA HIS A 359 15.29 -9.89 9.33
C HIS A 359 15.50 -9.05 8.06
N ARG A 360 16.74 -8.99 7.55
CA ARG A 360 17.06 -8.15 6.38
C ARG A 360 16.85 -8.93 5.07
N THR A 361 16.31 -10.13 5.15
CA THR A 361 16.02 -11.03 4.02
C THR A 361 14.57 -11.51 4.06
N TRP A 362 14.03 -11.75 2.88
CA TRP A 362 12.67 -12.28 2.65
C TRP A 362 12.47 -13.57 3.45
N GLN A 363 11.62 -13.53 4.48
CA GLN A 363 11.28 -14.65 5.38
C GLN A 363 12.56 -15.20 6.02
N ASN A 364 13.61 -14.38 6.11
CA ASN A 364 14.91 -14.77 6.71
C ASN A 364 15.53 -15.92 5.91
N SER A 365 15.40 -15.90 4.59
CA SER A 365 15.98 -16.89 3.67
C SER A 365 16.80 -16.15 2.64
N PRO A 366 18.15 -16.15 2.68
CA PRO A 366 18.93 -16.86 3.69
C PRO A 366 18.95 -16.08 5.01
N PRO A 367 19.36 -16.75 6.11
CA PRO A 367 19.40 -16.14 7.43
C PRO A 367 20.30 -14.90 7.42
N SER A 368 19.79 -13.83 8.04
CA SER A 368 20.41 -12.50 8.01
C SER A 368 20.17 -11.82 9.34
N PRO A 369 20.90 -10.72 9.60
CA PRO A 369 20.67 -9.96 10.82
C PRO A 369 19.21 -9.47 10.91
N PHE A 370 18.75 -9.21 12.13
CA PHE A 370 17.50 -8.47 12.41
C PHE A 370 17.59 -7.10 11.73
N ALA A 371 16.46 -6.62 11.18
CA ALA A 371 16.33 -5.21 10.79
C ALA A 371 16.50 -4.30 12.02
N GLU A 372 17.20 -3.19 11.86
CA GLU A 372 17.43 -2.20 12.92
C GLU A 372 16.75 -0.88 12.49
N LEU A 373 16.45 -0.03 13.47
CA LEU A 373 15.85 1.31 13.23
C LEU A 373 16.82 2.20 12.42
N SER A 374 18.13 1.98 12.54
CA SER A 374 19.21 2.72 11.84
C SER A 374 19.32 2.28 10.38
N ASP A 375 18.65 1.21 9.98
CA ASP A 375 18.72 0.70 8.59
C ASP A 375 18.16 1.74 7.61
N VAL A 376 18.74 1.78 6.42
CA VAL A 376 18.40 2.77 5.37
C VAL A 376 17.17 2.28 4.59
N ILE A 377 16.20 3.17 4.44
CA ILE A 377 15.16 3.06 3.37
C ILE A 377 15.71 3.79 2.15
N ASP A 378 16.16 3.01 1.19
CA ASP A 378 16.73 3.44 -0.11
C ASP A 378 15.58 3.64 -1.13
N MET A 379 15.38 4.89 -1.54
CA MET A 379 14.37 5.25 -2.55
C MET A 379 15.04 5.44 -3.91
N GLY A 380 16.27 4.96 -4.07
CA GLY A 380 16.99 4.96 -5.36
C GLY A 380 16.87 6.32 -6.00
N TYR A 381 16.55 6.37 -7.29
CA TYR A 381 16.45 7.63 -8.05
C TYR A 381 15.07 8.26 -7.84
N ALA A 382 14.12 7.56 -7.22
CA ALA A 382 12.70 7.98 -7.18
C ALA A 382 12.57 9.19 -6.24
N ALA A 383 13.31 9.24 -5.13
CA ALA A 383 13.02 10.18 -4.02
C ALA A 383 14.15 10.08 -3.01
N PRO A 384 14.25 11.05 -2.07
CA PRO A 384 15.17 10.95 -0.94
C PRO A 384 14.96 9.66 -0.13
N SER A 385 16.07 9.07 0.27
CA SER A 385 16.22 7.95 1.21
C SER A 385 16.14 8.47 2.66
N THR A 386 15.84 7.59 3.61
CA THR A 386 15.79 7.90 5.04
C THR A 386 16.19 6.64 5.82
N THR A 387 15.89 6.61 7.12
CA THR A 387 16.07 5.41 7.95
C THR A 387 14.69 4.91 8.43
N ILE A 388 14.62 3.64 8.78
CA ILE A 388 13.40 3.03 9.36
C ILE A 388 12.96 3.89 10.56
N GLY A 389 13.91 4.17 11.46
CA GLY A 389 13.68 4.99 12.66
C GLY A 389 12.96 6.29 12.36
N ALA A 390 13.28 6.95 11.26
CA ALA A 390 12.76 8.29 10.92
C ALA A 390 11.27 8.20 10.51
N VAL A 391 10.73 7.01 10.22
CA VAL A 391 9.35 6.88 9.67
C VAL A 391 8.47 6.04 10.59
N MET A 392 8.96 5.63 11.77
CA MET A 392 8.18 4.74 12.68
C MET A 392 6.88 5.41 13.19
N SER A 393 6.82 6.74 13.21
CA SER A 393 5.63 7.53 13.60
C SER A 393 5.24 8.50 12.48
N THR A 394 3.97 8.43 12.11
CA THR A 394 3.33 9.35 11.14
C THR A 394 3.29 10.79 11.67
N THR A 395 3.65 11.06 12.93
CA THR A 395 3.69 12.44 13.47
C THR A 395 5.08 12.78 14.00
N GLU A 396 6.12 12.12 13.50
CA GLU A 396 7.53 12.42 13.86
C GLU A 396 8.35 12.49 12.58
N GLY A 397 9.61 12.96 12.68
CA GLY A 397 10.51 13.09 11.51
C GLY A 397 9.96 14.12 10.56
N GLU A 398 9.87 13.78 9.27
CA GLU A 398 9.24 14.64 8.23
C GLU A 398 7.74 14.40 8.18
N LEU A 399 7.21 13.43 8.94
CA LEU A 399 5.81 13.00 8.76
C LEU A 399 4.90 13.78 9.71
N CYS A 400 3.76 14.23 9.22
CA CYS A 400 2.72 14.88 10.06
C CYS A 400 1.33 14.60 9.47
N TYR A 401 0.90 13.37 9.55
CA TYR A 401 -0.41 12.97 8.99
C TYR A 401 -0.99 11.86 9.86
N PHE A 402 -2.29 11.70 9.70
CA PHE A 402 -3.04 10.54 10.19
C PHE A 402 -4.13 10.25 9.18
N TYR A 403 -5.14 9.45 9.58
CA TYR A 403 -6.23 9.01 8.68
C TYR A 403 -7.55 9.41 9.33
N LEU A 404 -8.51 9.81 8.50
CA LEU A 404 -9.89 10.09 8.91
C LEU A 404 -10.81 8.94 8.48
N GLU A 405 -11.67 8.46 9.37
CA GLU A 405 -12.87 7.68 8.98
C GLU A 405 -13.77 8.57 8.11
#